data_3W3O
#
_entry.id   3W3O
#
_cell.length_a   67.986
_cell.length_b   71.535
_cell.length_c   129.375
_cell.angle_alpha   90.00
_cell.angle_beta   90.00
_cell.angle_gamma   90.00
#
_symmetry.space_group_name_H-M   'P 21 21 21'
#
loop_
_entity.id
_entity.type
_entity.pdbx_description
1 polymer 'Dihydroorotate dehydrogenase (fumarate)'
2 non-polymer '5-[2-(6-methoxynaphthalen-2-yl)ethyl]-2,6-dioxo-1,2,3,6-tetrahydropyrimidine-4-carboxylic acid'
3 non-polymer GLYCEROL
4 non-polymer 'FLAVIN MONONUCLEOTIDE'
5 non-polymer 'COBALT HEXAMMINE(III)'
6 water water
#
_entity_poly.entity_id   1
_entity_poly.type   'polypeptide(L)'
_entity_poly.pdbx_seq_one_letter_code
;MCLKLNLLDHVFANPFMNAAGVLCSTEEDLRCMTASSSGALVSKSCTSAPRDGNPEPRYMAFPLGSINSMGLPNLGFDFY
LKYASDLHDYSKKPLFLSISGLSVEENVAMVRRLAPVAQEKGVLLELNLSCPNVPGKPQVAYDFEAMRTYLQQVSLAYGL
PFGVKMPPYFDIAHFDTAAAVLNEFPLVKFVTCVNSVGNGLVIDAESESVVIKPKQGFGGLGGKYILPTALANVNAFYRR
CPDKLVFGCGGVYSGEDAFLHILAGASMVQVGTALQEEGPGIFTRLEDELLEIMARKGYRTLEEFRGRVKTIE
;
_entity_poly.pdbx_strand_id   A,B
#
# COMPACT_ATOMS: atom_id res chain seq x y z
N MET A 1 -4.12 -35.86 9.38
CA MET A 1 -3.81 -34.50 8.91
C MET A 1 -4.83 -33.97 7.90
N CYS A 2 -5.31 -32.77 8.15
CA CYS A 2 -6.57 -32.31 7.70
C CYS A 2 -6.71 -30.82 7.34
N LEU A 3 -7.23 -30.48 6.18
CA LEU A 3 -7.53 -29.08 5.84
C LEU A 3 -8.99 -28.64 6.12
N LYS A 4 -9.82 -29.54 6.60
CA LYS A 4 -11.25 -29.32 6.80
C LYS A 4 -11.46 -28.21 7.80
N LEU A 5 -12.52 -27.46 7.60
CA LEU A 5 -12.96 -26.50 8.56
C LEU A 5 -14.48 -26.33 8.57
N ASN A 6 -15.00 -25.95 9.69
CA ASN A 6 -16.42 -25.75 9.86
C ASN A 6 -16.59 -24.37 10.39
N LEU A 7 -17.28 -23.54 9.66
CA LEU A 7 -17.56 -22.23 10.12
C LEU A 7 -18.77 -21.60 9.47
N LEU A 8 -19.38 -20.67 10.17
CA LEU A 8 -20.58 -20.06 9.72
C LEU A 8 -21.62 -21.14 9.43
N ASP A 9 -21.59 -22.22 10.20
CA ASP A 9 -22.58 -23.30 10.01
C ASP A 9 -22.45 -23.99 8.65
N HIS A 10 -21.26 -23.93 8.07
CA HIS A 10 -20.99 -24.67 6.85
C HIS A 10 -19.76 -25.51 7.00
N VAL A 11 -19.60 -26.46 6.13
CA VAL A 11 -18.40 -27.30 6.14
C VAL A 11 -17.61 -27.07 4.88
N PHE A 12 -16.30 -26.88 5.05
CA PHE A 12 -15.40 -26.59 3.94
C PHE A 12 -14.30 -27.65 3.90
N ALA A 13 -14.02 -28.18 2.72
CA ALA A 13 -13.03 -29.24 2.61
C ALA A 13 -11.63 -28.66 2.86
N ASN A 14 -11.45 -27.37 2.54
CA ASN A 14 -10.18 -26.72 2.74
C ASN A 14 -10.44 -25.21 2.79
N PRO A 15 -9.46 -24.44 3.23
CA PRO A 15 -9.72 -23.03 3.36
C PRO A 15 -9.68 -22.18 2.09
N PHE A 16 -9.41 -22.76 0.96
CA PHE A 16 -9.18 -21.97 -0.29
C PHE A 16 -10.42 -21.63 -1.04
N MET A 17 -10.40 -20.43 -1.60
CA MET A 17 -11.47 -19.97 -2.46
C MET A 17 -10.94 -18.92 -3.39
N ASN A 18 -11.66 -18.66 -4.47
CA ASN A 18 -11.30 -17.52 -5.30
C ASN A 18 -11.54 -16.20 -4.54
N ALA A 19 -10.82 -15.15 -4.93
CA ALA A 19 -11.14 -13.79 -4.52
C ALA A 19 -12.25 -13.26 -5.38
N ALA A 20 -13.14 -12.45 -4.84
CA ALA A 20 -14.19 -11.89 -5.63
C ALA A 20 -13.57 -11.14 -6.83
N GLY A 21 -14.21 -11.32 -7.96
CA GLY A 21 -13.85 -10.74 -9.21
C GLY A 21 -13.02 -11.61 -10.10
N VAL A 22 -12.42 -12.64 -9.51
CA VAL A 22 -11.65 -13.58 -10.28
C VAL A 22 -12.40 -14.90 -10.53
N LEU A 23 -12.50 -15.25 -11.81
CA LEU A 23 -13.08 -16.50 -12.26
C LEU A 23 -14.46 -16.72 -11.64
N CYS A 24 -15.28 -15.70 -11.69
CA CYS A 24 -16.57 -15.78 -11.05
C CYS A 24 -17.69 -14.90 -11.61
N SER A 25 -17.54 -14.45 -12.83
CA SER A 25 -18.46 -13.51 -13.42
C SER A 25 -19.63 -14.13 -14.20
N THR A 26 -19.43 -15.27 -14.80
CA THR A 26 -20.38 -15.89 -15.66
C THR A 26 -20.72 -17.27 -15.12
N GLU A 27 -21.75 -17.84 -15.67
CA GLU A 27 -22.19 -19.16 -15.24
C GLU A 27 -21.08 -20.18 -15.49
N GLU A 28 -20.39 -19.97 -16.62
CA GLU A 28 -19.26 -20.82 -16.96
C GLU A 28 -18.17 -20.73 -15.85
N ASP A 29 -17.83 -19.53 -15.44
CA ASP A 29 -16.82 -19.31 -14.40
C ASP A 29 -17.23 -19.99 -13.10
N LEU A 30 -18.48 -19.77 -12.70
CA LEU A 30 -18.94 -20.32 -11.44
C LEU A 30 -18.94 -21.83 -11.47
N ARG A 31 -19.43 -22.44 -12.54
CA ARG A 31 -19.31 -23.90 -12.72
C ARG A 31 -17.87 -24.40 -12.65
N CYS A 32 -16.98 -23.68 -13.25
CA CYS A 32 -15.54 -24.00 -13.24
C CYS A 32 -15.01 -23.91 -11.83
N MET A 33 -15.34 -22.83 -11.08
CA MET A 33 -14.87 -22.75 -9.71
C MET A 33 -15.49 -23.88 -8.86
N THR A 34 -16.72 -24.24 -9.16
CA THR A 34 -17.41 -25.30 -8.40
C THR A 34 -16.73 -26.64 -8.70
N ALA A 35 -16.32 -26.87 -9.95
CA ALA A 35 -15.62 -28.11 -10.33
C ALA A 35 -14.16 -28.20 -9.82
N SER A 36 -13.57 -27.07 -9.43
CA SER A 36 -12.23 -27.03 -8.89
C SER A 36 -12.15 -27.67 -7.48
N SER A 37 -10.91 -27.84 -6.96
CA SER A 37 -10.76 -28.40 -5.63
C SER A 37 -10.82 -27.31 -4.58
N SER A 38 -11.20 -26.08 -4.95
CA SER A 38 -11.40 -25.05 -3.89
C SER A 38 -12.37 -25.51 -2.80
N GLY A 39 -12.20 -25.02 -1.57
CA GLY A 39 -13.15 -25.28 -0.49
C GLY A 39 -14.43 -24.50 -0.64
N ALA A 40 -14.39 -23.34 -1.32
CA ALA A 40 -15.57 -22.55 -1.56
C ALA A 40 -15.39 -21.70 -2.82
N LEU A 41 -16.41 -20.90 -3.17
CA LEU A 41 -16.28 -19.90 -4.16
C LEU A 41 -17.12 -18.68 -3.79
N VAL A 42 -16.77 -17.58 -4.43
CA VAL A 42 -17.49 -16.33 -4.31
C VAL A 42 -17.80 -15.80 -5.67
N SER A 43 -19.02 -15.27 -5.86
CA SER A 43 -19.42 -14.62 -7.15
C SER A 43 -18.84 -13.26 -7.30
N LYS A 44 -18.77 -12.79 -8.55
CA LYS A 44 -18.34 -11.44 -8.84
C LYS A 44 -19.22 -10.44 -8.15
N SER A 45 -18.62 -9.37 -7.63
CA SER A 45 -19.35 -8.30 -6.94
C SER A 45 -20.37 -7.76 -7.94
N CYS A 46 -21.64 -7.65 -7.53
CA CYS A 46 -22.68 -7.30 -8.46
C CYS A 46 -23.40 -5.99 -8.07
N THR A 47 -24.11 -5.45 -9.08
CA THR A 47 -24.92 -4.24 -8.94
C THR A 47 -26.32 -4.70 -9.34
N SER A 48 -27.33 -3.87 -9.06
CA SER A 48 -28.71 -4.17 -9.44
C SER A 48 -28.84 -4.40 -10.94
N ALA A 49 -28.24 -3.54 -11.73
CA ALA A 49 -28.29 -3.61 -13.17
C ALA A 49 -26.96 -4.22 -13.70
N PRO A 50 -27.05 -4.98 -14.77
CA PRO A 50 -25.80 -5.43 -15.42
C PRO A 50 -24.90 -4.27 -15.87
N ARG A 51 -23.57 -4.48 -15.86
CA ARG A 51 -22.62 -3.47 -16.19
C ARG A 51 -21.52 -4.04 -17.12
N ASP A 52 -21.14 -3.22 -18.12
CA ASP A 52 -20.08 -3.56 -19.09
C ASP A 52 -18.68 -3.36 -18.48
N GLY A 53 -18.60 -2.50 -17.49
CA GLY A 53 -17.32 -2.13 -16.91
C GLY A 53 -16.58 -1.10 -17.72
N ASN A 54 -15.34 -0.89 -17.34
CA ASN A 54 -14.49 0.08 -17.98
C ASN A 54 -13.93 -0.39 -19.30
N PRO A 55 -13.40 0.57 -20.09
CA PRO A 55 -12.73 0.19 -21.31
C PRO A 55 -11.46 -0.65 -21.12
N GLU A 56 -11.21 -1.53 -22.09
CA GLU A 56 -10.04 -2.39 -22.10
C GLU A 56 -8.86 -1.72 -22.81
N PRO A 57 -7.63 -2.10 -22.45
CA PRO A 57 -7.21 -3.01 -21.44
C PRO A 57 -7.48 -2.44 -20.02
N ARG A 58 -7.92 -3.32 -19.14
CA ARG A 58 -8.32 -2.89 -17.79
C ARG A 58 -7.75 -3.82 -16.69
N TYR A 59 -7.04 -4.86 -17.11
CA TYR A 59 -6.31 -5.74 -16.23
C TYR A 59 -5.05 -6.13 -16.86
N MET A 60 -3.96 -6.10 -16.07
CA MET A 60 -2.67 -6.61 -16.55
C MET A 60 -1.89 -7.21 -15.41
N ALA A 61 -1.12 -8.25 -15.73
CA ALA A 61 -0.34 -8.92 -14.73
C ALA A 61 1.13 -9.03 -15.11
N PHE A 62 1.96 -9.20 -14.12
CA PHE A 62 3.41 -9.06 -14.24
C PHE A 62 3.98 -10.01 -13.19
N PRO A 63 5.32 -10.29 -13.22
CA PRO A 63 5.91 -11.22 -12.25
C PRO A 63 5.52 -10.94 -10.81
N LEU A 64 5.39 -9.68 -10.43
CA LEU A 64 5.13 -9.41 -9.00
C LEU A 64 3.68 -9.11 -8.68
N GLY A 65 2.80 -9.09 -9.69
CA GLY A 65 1.38 -8.98 -9.43
C GLY A 65 0.60 -8.38 -10.58
N SER A 66 -0.48 -7.70 -10.23
CA SER A 66 -1.48 -7.25 -11.15
C SER A 66 -1.97 -5.84 -10.82
N ILE A 67 -2.50 -5.22 -11.84
CA ILE A 67 -3.22 -3.96 -11.71
C ILE A 67 -4.51 -4.06 -12.49
N ASN A 68 -5.59 -3.46 -11.96
CA ASN A 68 -6.89 -3.57 -12.60
C ASN A 68 -7.71 -2.32 -12.31
N SER A 69 -8.46 -1.94 -13.32
CA SER A 69 -9.55 -1.01 -13.12
C SER A 69 -10.72 -1.53 -13.89
N MET A 70 -11.25 -2.67 -13.43
CA MET A 70 -12.27 -3.37 -14.18
C MET A 70 -13.56 -2.53 -14.29
N GLY A 71 -13.89 -1.79 -13.24
CA GLY A 71 -15.11 -1.02 -13.23
C GLY A 71 -16.41 -1.80 -12.97
N LEU A 72 -16.34 -2.88 -12.19
CA LEU A 72 -17.47 -3.66 -11.79
C LEU A 72 -18.31 -4.15 -12.96
N PRO A 73 -17.67 -4.72 -13.96
CA PRO A 73 -18.46 -5.46 -14.98
C PRO A 73 -19.13 -6.69 -14.36
N ASN A 74 -20.42 -6.91 -14.61
CA ASN A 74 -21.10 -8.03 -13.95
C ASN A 74 -22.44 -8.24 -14.62
N LEU A 75 -23.00 -9.41 -14.44
CA LEU A 75 -24.23 -9.76 -15.16
C LEU A 75 -25.48 -9.25 -14.46
N GLY A 76 -25.33 -8.53 -13.38
CA GLY A 76 -26.48 -8.03 -12.59
C GLY A 76 -26.95 -9.00 -11.52
N PHE A 77 -27.52 -8.43 -10.47
CA PHE A 77 -27.93 -9.17 -9.32
C PHE A 77 -28.86 -10.30 -9.60
N ASP A 78 -29.82 -10.11 -10.47
CA ASP A 78 -30.77 -11.16 -10.76
C ASP A 78 -30.07 -12.46 -11.19
N PHE A 79 -29.01 -12.27 -11.94
CA PHE A 79 -28.27 -13.43 -12.40
C PHE A 79 -27.60 -14.18 -11.24
N TYR A 80 -26.85 -13.48 -10.39
CA TYR A 80 -26.16 -14.12 -9.26
C TYR A 80 -27.16 -14.75 -8.24
N LEU A 81 -28.29 -14.05 -8.03
CA LEU A 81 -29.38 -14.59 -7.20
C LEU A 81 -29.96 -15.89 -7.74
N LYS A 82 -30.17 -15.94 -9.03
CA LYS A 82 -30.65 -17.17 -9.68
C LYS A 82 -29.65 -18.27 -9.61
N TYR A 83 -28.36 -17.94 -9.81
CA TYR A 83 -27.29 -18.95 -9.66
C TYR A 83 -27.38 -19.50 -8.21
N ALA A 84 -27.46 -18.63 -7.23
CA ALA A 84 -27.54 -19.08 -5.83
C ALA A 84 -28.84 -19.92 -5.55
N SER A 85 -29.98 -19.51 -6.11
CA SER A 85 -31.26 -20.13 -5.74
C SER A 85 -31.51 -21.37 -6.54
N ASP A 86 -31.10 -21.43 -7.79
CA ASP A 86 -31.49 -22.52 -8.71
C ASP A 86 -30.32 -23.30 -9.31
N LEU A 87 -29.15 -22.73 -9.51
CA LEU A 87 -28.12 -23.42 -10.28
C LEU A 87 -26.98 -23.98 -9.44
N HIS A 88 -26.61 -23.32 -8.35
CA HIS A 88 -25.45 -23.80 -7.58
C HIS A 88 -25.72 -25.13 -6.88
N ASP A 89 -24.77 -26.05 -6.97
CA ASP A 89 -24.84 -27.32 -6.22
C ASP A 89 -24.12 -27.20 -4.91
N TYR A 90 -24.90 -27.00 -3.85
CA TYR A 90 -24.36 -26.82 -2.52
C TYR A 90 -23.77 -28.10 -1.94
N SER A 91 -24.05 -29.25 -2.52
CA SER A 91 -23.43 -30.47 -2.03
C SER A 91 -21.95 -30.46 -2.44
N LYS A 92 -21.56 -29.62 -3.39
CA LYS A 92 -20.18 -29.56 -3.81
C LYS A 92 -19.36 -28.71 -2.87
N LYS A 93 -19.78 -27.48 -2.63
CA LYS A 93 -19.08 -26.62 -1.71
C LYS A 93 -19.97 -25.42 -1.40
N PRO A 94 -19.68 -24.67 -0.37
CA PRO A 94 -20.47 -23.45 -0.14
C PRO A 94 -20.19 -22.33 -1.14
N LEU A 95 -21.16 -21.45 -1.23
CA LEU A 95 -21.18 -20.28 -2.11
C LEU A 95 -21.26 -19.01 -1.28
N PHE A 96 -20.38 -18.02 -1.59
CA PHE A 96 -20.55 -16.63 -1.12
C PHE A 96 -21.03 -15.81 -2.31
N LEU A 97 -21.88 -14.84 -2.09
CA LEU A 97 -22.27 -13.92 -3.12
C LEU A 97 -21.82 -12.56 -2.67
N SER A 98 -21.12 -11.88 -3.56
CA SER A 98 -20.54 -10.59 -3.21
C SER A 98 -21.43 -9.53 -3.86
N ILE A 99 -21.79 -8.54 -3.07
CA ILE A 99 -22.55 -7.42 -3.57
C ILE A 99 -21.80 -6.10 -3.43
N SER A 100 -21.89 -5.28 -4.45
CA SER A 100 -21.19 -4.03 -4.45
C SER A 100 -22.01 -2.89 -5.06
N GLY A 101 -23.14 -2.60 -4.45
CA GLY A 101 -23.99 -1.53 -4.88
C GLY A 101 -23.33 -0.18 -4.80
N LEU A 102 -23.72 0.69 -5.70
CA LEU A 102 -23.11 2.00 -5.83
C LEU A 102 -23.65 3.07 -4.84
N SER A 103 -24.65 2.71 -4.09
CA SER A 103 -25.19 3.55 -3.02
C SER A 103 -25.69 2.63 -1.97
N VAL A 104 -25.99 3.16 -0.78
CA VAL A 104 -26.56 2.34 0.27
C VAL A 104 -27.95 1.79 -0.12
N GLU A 105 -28.76 2.57 -0.85
CA GLU A 105 -30.10 2.12 -1.26
C GLU A 105 -30.03 0.89 -2.22
N GLU A 106 -29.11 0.95 -3.16
CA GLU A 106 -28.93 -0.19 -4.09
C GLU A 106 -28.53 -1.46 -3.28
N ASN A 107 -27.58 -1.31 -2.35
CA ASN A 107 -27.25 -2.43 -1.43
C ASN A 107 -28.44 -3.02 -0.63
N VAL A 108 -29.27 -2.13 -0.03
CA VAL A 108 -30.39 -2.51 0.72
C VAL A 108 -31.35 -3.28 -0.17
N ALA A 109 -31.58 -2.82 -1.39
CA ALA A 109 -32.55 -3.49 -2.26
C ALA A 109 -32.04 -4.87 -2.60
N MET A 110 -30.73 -5.00 -2.81
CA MET A 110 -30.25 -6.36 -3.18
C MET A 110 -30.32 -7.27 -1.93
N VAL A 111 -29.90 -6.81 -0.78
CA VAL A 111 -29.86 -7.67 0.41
C VAL A 111 -31.25 -8.16 0.85
N ARG A 112 -32.24 -7.31 0.70
CA ARG A 112 -33.59 -7.66 1.04
C ARG A 112 -34.03 -8.84 0.20
N ARG A 113 -33.71 -8.83 -1.07
CA ARG A 113 -34.00 -9.94 -1.93
C ARG A 113 -33.17 -11.23 -1.74
N LEU A 114 -31.92 -11.05 -1.41
CA LEU A 114 -31.00 -12.17 -1.11
C LEU A 114 -31.40 -12.95 0.14
N ALA A 115 -31.96 -12.26 1.11
CA ALA A 115 -32.24 -12.86 2.41
C ALA A 115 -32.99 -14.18 2.40
N PRO A 116 -34.12 -14.25 1.67
CA PRO A 116 -34.83 -15.53 1.73
C PRO A 116 -34.01 -16.69 1.10
N VAL A 117 -33.23 -16.36 0.08
CA VAL A 117 -32.38 -17.36 -0.56
C VAL A 117 -31.26 -17.77 0.38
N ALA A 118 -30.65 -16.83 1.07
CA ALA A 118 -29.64 -17.16 2.06
C ALA A 118 -30.20 -18.04 3.15
N GLN A 119 -31.35 -17.66 3.67
CA GLN A 119 -32.05 -18.51 4.68
C GLN A 119 -32.36 -19.93 4.18
N GLU A 120 -32.91 -20.05 2.99
CA GLU A 120 -33.30 -21.33 2.42
C GLU A 120 -32.14 -22.22 1.86
N LYS A 121 -31.18 -21.62 1.16
CA LYS A 121 -30.08 -22.37 0.49
C LYS A 121 -28.74 -22.26 1.20
N GLY A 122 -28.52 -21.23 2.00
CA GLY A 122 -27.32 -21.16 2.79
C GLY A 122 -26.22 -20.37 2.06
N VAL A 123 -26.55 -19.71 0.94
CA VAL A 123 -25.63 -18.70 0.35
C VAL A 123 -25.26 -17.67 1.39
N LEU A 124 -23.98 -17.28 1.37
CA LEU A 124 -23.42 -16.38 2.35
C LEU A 124 -23.05 -15.04 1.70
N LEU A 125 -23.43 -13.94 2.31
CA LEU A 125 -23.22 -12.61 1.76
C LEU A 125 -21.86 -12.04 2.13
N GLU A 126 -21.16 -11.48 1.14
CA GLU A 126 -19.95 -10.71 1.36
C GLU A 126 -20.20 -9.34 0.75
N LEU A 127 -20.29 -8.36 1.63
CA LEU A 127 -20.62 -7.04 1.20
C LEU A 127 -19.32 -6.28 0.97
N ASN A 128 -19.14 -5.79 -0.25
CA ASN A 128 -17.94 -5.13 -0.64
C ASN A 128 -17.93 -3.66 -0.23
N LEU A 129 -17.20 -3.35 0.81
CA LEU A 129 -17.04 -1.97 1.25
C LEU A 129 -15.96 -1.14 0.59
N SER A 130 -15.10 -1.81 -0.17
CA SER A 130 -13.93 -1.24 -0.81
C SER A 130 -14.39 -0.84 -2.13
N CYS A 131 -15.28 0.12 -2.14
CA CYS A 131 -16.13 0.41 -3.21
C CYS A 131 -16.47 1.91 -3.32
N PRO A 132 -16.60 2.42 -4.53
CA PRO A 132 -17.01 3.80 -4.73
C PRO A 132 -18.37 4.22 -4.17
N ASN A 133 -18.41 5.45 -3.70
CA ASN A 133 -19.61 6.03 -3.21
C ASN A 133 -19.86 7.33 -3.99
N VAL A 134 -20.02 8.48 -3.35
CA VAL A 134 -20.13 9.72 -4.11
C VAL A 134 -18.78 10.05 -4.74
N PRO A 135 -18.69 10.26 -6.05
CA PRO A 135 -17.34 10.64 -6.57
C PRO A 135 -16.82 11.93 -5.95
N GLY A 136 -15.54 11.96 -5.64
CA GLY A 136 -14.84 13.01 -4.87
C GLY A 136 -14.86 12.76 -3.38
N LYS A 137 -15.57 11.71 -2.95
CA LYS A 137 -15.41 11.22 -1.63
C LYS A 137 -14.59 9.96 -1.69
N PRO A 138 -13.98 9.63 -0.57
CA PRO A 138 -13.22 8.38 -0.59
C PRO A 138 -14.13 7.17 -0.70
N GLN A 139 -13.54 6.06 -1.07
CA GLN A 139 -14.29 4.81 -1.08
C GLN A 139 -14.93 4.59 0.32
N VAL A 140 -16.04 3.85 0.35
CA VAL A 140 -16.89 3.74 1.54
C VAL A 140 -16.09 3.39 2.84
N ALA A 141 -15.22 2.39 2.76
CA ALA A 141 -14.48 1.91 3.98
C ALA A 141 -13.36 2.88 4.42
N TYR A 142 -13.09 3.90 3.62
CA TYR A 142 -12.21 4.98 4.00
C TYR A 142 -12.99 6.18 4.51
N ASP A 143 -14.30 6.01 4.68
CA ASP A 143 -15.20 7.11 5.15
C ASP A 143 -16.00 6.45 6.21
N PHE A 144 -15.55 6.56 7.45
CA PHE A 144 -16.13 5.71 8.57
C PHE A 144 -17.59 6.01 8.85
N GLU A 145 -18.02 7.23 8.59
CA GLU A 145 -19.45 7.52 8.74
C GLU A 145 -20.30 6.89 7.61
N ALA A 146 -19.82 6.91 6.36
CA ALA A 146 -20.54 6.16 5.37
C ALA A 146 -20.55 4.65 5.67
N MET A 147 -19.40 4.13 6.11
CA MET A 147 -19.32 2.70 6.41
C MET A 147 -20.34 2.33 7.47
N ARG A 148 -20.39 3.14 8.54
CA ARG A 148 -21.37 2.88 9.57
C ARG A 148 -22.79 2.88 9.01
N THR A 149 -23.08 3.88 8.20
CA THR A 149 -24.41 3.94 7.56
C THR A 149 -24.70 2.65 6.79
N TYR A 150 -23.70 2.20 6.00
CA TYR A 150 -23.97 1.08 5.10
C TYR A 150 -24.25 -0.12 5.98
N LEU A 151 -23.49 -0.27 7.06
CA LEU A 151 -23.66 -1.51 7.90
C LEU A 151 -24.93 -1.52 8.70
N GLN A 152 -25.34 -0.36 9.16
CA GLN A 152 -26.60 -0.25 9.88
C GLN A 152 -27.75 -0.68 8.97
N GLN A 153 -27.76 -0.12 7.77
CA GLN A 153 -28.90 -0.31 6.88
C GLN A 153 -28.92 -1.72 6.32
N VAL A 154 -27.75 -2.25 5.95
CA VAL A 154 -27.69 -3.63 5.49
C VAL A 154 -28.03 -4.61 6.63
N SER A 155 -27.59 -4.32 7.86
CA SER A 155 -27.92 -5.25 8.98
C SER A 155 -29.46 -5.30 9.15
N LEU A 156 -30.09 -4.14 9.17
CA LEU A 156 -31.57 -4.01 9.27
C LEU A 156 -32.30 -4.74 8.14
N ALA A 157 -31.89 -4.48 6.92
CA ALA A 157 -32.54 -5.03 5.74
C ALA A 157 -32.26 -6.49 5.56
N TYR A 158 -31.08 -6.98 5.99
CA TYR A 158 -30.77 -8.37 5.73
C TYR A 158 -31.16 -9.30 6.89
N GLY A 159 -30.74 -8.95 8.09
CA GLY A 159 -31.14 -9.61 9.31
C GLY A 159 -30.51 -10.97 9.53
N LEU A 160 -29.42 -11.29 8.82
CA LEU A 160 -28.78 -12.59 8.88
C LEU A 160 -27.27 -12.30 8.95
N PRO A 161 -26.48 -13.25 9.43
CA PRO A 161 -25.04 -13.12 9.45
C PRO A 161 -24.51 -12.88 8.05
N PHE A 162 -23.56 -11.96 7.91
CA PHE A 162 -22.88 -11.69 6.65
C PHE A 162 -21.41 -11.30 6.91
N GLY A 163 -20.66 -11.05 5.85
CA GLY A 163 -19.31 -10.51 6.04
C GLY A 163 -19.08 -9.36 5.13
N VAL A 164 -17.93 -8.75 5.33
CA VAL A 164 -17.55 -7.56 4.69
C VAL A 164 -16.18 -7.73 4.02
N LYS A 165 -16.05 -7.21 2.82
CA LYS A 165 -14.73 -7.09 2.13
C LYS A 165 -14.15 -5.70 2.33
N MET A 166 -12.98 -5.64 2.98
CA MET A 166 -12.30 -4.40 3.43
C MET A 166 -11.08 -4.04 2.55
N PRO A 167 -10.91 -2.76 2.24
CA PRO A 167 -9.67 -2.30 1.64
C PRO A 167 -8.55 -2.34 2.67
N PRO A 168 -7.31 -2.35 2.23
CA PRO A 168 -6.23 -2.28 3.22
C PRO A 168 -6.20 -0.93 3.90
N TYR A 169 -5.83 -0.93 5.17
CA TYR A 169 -5.42 0.29 5.87
C TYR A 169 -3.90 0.27 6.18
N PHE A 170 -3.38 1.46 6.43
CA PHE A 170 -1.95 1.72 6.57
C PHE A 170 -1.52 2.45 7.85
N ASP A 171 -2.49 2.75 8.69
CA ASP A 171 -2.29 3.63 9.84
C ASP A 171 -3.03 2.92 11.02
N ILE A 172 -2.34 2.82 12.14
CA ILE A 172 -2.86 2.14 13.34
C ILE A 172 -4.18 2.79 13.80
N ALA A 173 -4.31 4.11 13.64
CA ALA A 173 -5.51 4.84 14.12
C ALA A 173 -6.70 4.40 13.26
N HIS A 174 -6.39 4.11 12.00
CA HIS A 174 -7.41 3.53 11.09
C HIS A 174 -7.82 2.08 11.36
N PHE A 175 -6.85 1.25 11.72
CA PHE A 175 -7.15 -0.08 12.10
C PHE A 175 -8.08 0.03 13.32
N ASP A 176 -7.74 0.93 14.21
CA ASP A 176 -8.47 1.01 15.45
C ASP A 176 -9.91 1.41 15.19
N THR A 177 -10.11 2.47 14.43
CA THR A 177 -11.42 2.99 14.12
C THR A 177 -12.28 2.04 13.30
N ALA A 178 -11.68 1.51 12.26
CA ALA A 178 -12.39 0.56 11.44
C ALA A 178 -12.89 -0.64 12.19
N ALA A 179 -12.06 -1.25 13.04
CA ALA A 179 -12.47 -2.46 13.79
C ALA A 179 -13.56 -2.09 14.80
N ALA A 180 -13.47 -0.91 15.37
CA ALA A 180 -14.50 -0.47 16.30
C ALA A 180 -15.86 -0.34 15.59
N VAL A 181 -15.87 0.19 14.39
CA VAL A 181 -17.09 0.27 13.60
C VAL A 181 -17.67 -1.09 13.30
N LEU A 182 -16.84 -2.02 12.83
CA LEU A 182 -17.28 -3.35 12.54
C LEU A 182 -17.84 -4.03 13.79
N ASN A 183 -17.17 -3.80 14.90
CA ASN A 183 -17.58 -4.40 16.17
C ASN A 183 -18.91 -3.87 16.72
N GLU A 184 -19.40 -2.74 16.20
CA GLU A 184 -20.78 -2.32 16.47
C GLU A 184 -21.84 -3.24 15.86
N PHE A 185 -21.48 -4.16 14.94
CA PHE A 185 -22.45 -4.91 14.15
C PHE A 185 -22.32 -6.40 14.35
N PRO A 186 -23.17 -6.95 15.25
CA PRO A 186 -23.06 -8.35 15.53
C PRO A 186 -23.32 -9.25 14.38
N LEU A 187 -24.02 -8.78 13.36
CA LEU A 187 -24.31 -9.68 12.23
C LEU A 187 -23.12 -9.83 11.27
N VAL A 188 -22.17 -8.92 11.40
CA VAL A 188 -20.94 -9.05 10.63
C VAL A 188 -20.10 -10.15 11.31
N LYS A 189 -20.13 -11.35 10.75
CA LYS A 189 -19.47 -12.50 11.30
C LYS A 189 -18.16 -12.81 10.67
N PHE A 190 -17.88 -12.25 9.50
CA PHE A 190 -16.56 -12.39 8.95
C PHE A 190 -16.10 -11.12 8.27
N VAL A 191 -14.79 -10.94 8.28
CA VAL A 191 -14.16 -9.73 7.69
C VAL A 191 -13.04 -10.22 6.75
N THR A 192 -13.14 -9.85 5.46
CA THR A 192 -12.19 -10.25 4.47
C THR A 192 -11.18 -9.14 4.23
N CYS A 193 -9.90 -9.44 4.50
CA CYS A 193 -8.82 -8.47 4.38
C CYS A 193 -7.79 -9.14 3.45
N VAL A 194 -7.52 -8.58 2.26
CA VAL A 194 -7.89 -7.24 1.84
C VAL A 194 -8.29 -7.22 0.40
N ASN A 195 -9.02 -6.18 0.06
CA ASN A 195 -9.20 -5.78 -1.35
C ASN A 195 -7.87 -5.29 -1.94
N SER A 196 -7.88 -4.99 -3.24
CA SER A 196 -6.69 -4.46 -3.94
C SER A 196 -6.13 -3.18 -3.30
N VAL A 197 -4.80 -3.03 -3.31
CA VAL A 197 -4.17 -1.84 -2.80
C VAL A 197 -4.39 -0.71 -3.81
N GLY A 198 -5.17 0.28 -3.38
CA GLY A 198 -5.68 1.26 -4.29
C GLY A 198 -4.79 2.16 -5.08
N ASN A 199 -5.21 2.43 -6.32
CA ASN A 199 -4.56 3.43 -7.15
C ASN A 199 -3.08 3.38 -7.23
N GLY A 200 -2.55 2.22 -7.57
CA GLY A 200 -1.14 2.15 -7.96
C GLY A 200 -1.04 2.51 -9.43
N LEU A 201 0.19 2.60 -9.94
CA LEU A 201 0.43 3.01 -11.32
C LEU A 201 1.59 2.16 -11.91
N VAL A 202 1.30 1.26 -12.83
CA VAL A 202 2.33 0.45 -13.53
C VAL A 202 2.64 1.11 -14.88
N ILE A 203 3.91 1.31 -15.09
CA ILE A 203 4.44 1.98 -16.29
C ILE A 203 5.39 1.02 -17.00
N ASP A 204 5.16 0.81 -18.29
CA ASP A 204 6.00 -0.02 -19.14
C ASP A 204 7.19 0.84 -19.66
N ALA A 205 8.42 0.52 -19.28
CA ALA A 205 9.58 1.34 -19.70
C ALA A 205 9.83 1.43 -21.20
N GLU A 206 9.60 0.35 -21.92
CA GLU A 206 9.87 0.32 -23.38
C GLU A 206 8.94 1.26 -24.13
N SER A 207 7.66 1.10 -23.89
CA SER A 207 6.64 1.94 -24.52
C SER A 207 6.42 3.32 -23.82
N GLU A 208 7.01 3.53 -22.66
CA GLU A 208 6.80 4.73 -21.85
C GLU A 208 5.35 5.03 -21.55
N SER A 209 4.55 3.97 -21.41
CA SER A 209 3.09 4.06 -21.33
C SER A 209 2.56 3.35 -20.09
N VAL A 210 1.48 3.90 -19.48
CA VAL A 210 0.69 3.13 -18.52
C VAL A 210 0.17 1.86 -19.24
N VAL A 211 -0.22 0.83 -18.50
CA VAL A 211 -0.59 -0.46 -19.08
C VAL A 211 -2.13 -0.72 -19.06
N ILE A 212 -2.89 0.12 -18.36
CA ILE A 212 -4.31 -0.01 -18.45
C ILE A 212 -4.90 1.35 -18.87
N LYS A 213 -6.04 1.29 -19.52
CA LYS A 213 -6.63 2.45 -20.15
C LYS A 213 -7.48 3.33 -19.20
N PRO A 214 -8.34 2.74 -18.34
CA PRO A 214 -9.12 3.63 -17.50
C PRO A 214 -8.29 4.47 -16.52
N LYS A 215 -8.81 5.63 -16.13
CA LYS A 215 -8.26 6.40 -15.02
C LYS A 215 -6.77 6.72 -15.19
N GLN A 216 -6.34 7.03 -16.44
CA GLN A 216 -4.96 7.40 -16.74
C GLN A 216 -3.96 6.38 -16.24
N GLY A 217 -4.41 5.12 -16.16
CA GLY A 217 -3.51 4.02 -15.82
C GLY A 217 -3.54 3.65 -14.36
N PHE A 218 -4.32 4.37 -13.51
CA PHE A 218 -4.29 4.12 -12.09
C PHE A 218 -5.26 2.96 -11.79
N GLY A 219 -4.86 2.04 -10.93
CA GLY A 219 -5.71 0.92 -10.63
C GLY A 219 -5.24 0.12 -9.42
N GLY A 220 -6.10 -0.78 -8.98
CA GLY A 220 -5.82 -1.54 -7.80
C GLY A 220 -4.73 -2.57 -8.05
N LEU A 221 -3.91 -2.76 -7.03
CA LEU A 221 -2.77 -3.70 -7.07
C LEU A 221 -3.07 -4.97 -6.30
N GLY A 222 -2.75 -6.10 -6.92
CA GLY A 222 -2.79 -7.34 -6.28
C GLY A 222 -1.49 -8.13 -6.50
N GLY A 223 -1.42 -9.26 -5.82
CA GLY A 223 -0.31 -10.15 -5.98
C GLY A 223 0.84 -9.97 -5.00
N LYS A 224 2.03 -10.33 -5.47
CA LYS A 224 3.23 -10.30 -4.57
C LYS A 224 3.52 -8.95 -3.95
N TYR A 225 3.16 -7.89 -4.65
CA TYR A 225 3.34 -6.55 -4.14
C TYR A 225 2.66 -6.38 -2.79
N ILE A 226 1.55 -7.07 -2.58
CA ILE A 226 0.72 -6.72 -1.46
C ILE A 226 0.65 -7.71 -0.30
N LEU A 227 1.45 -8.77 -0.31
CA LEU A 227 1.33 -9.77 0.76
C LEU A 227 1.58 -9.20 2.16
N PRO A 228 2.69 -8.46 2.38
CA PRO A 228 2.85 -7.93 3.76
C PRO A 228 1.76 -6.99 4.24
N THR A 229 1.21 -6.22 3.33
CA THR A 229 0.07 -5.35 3.60
C THR A 229 -1.13 -6.21 3.95
N ALA A 230 -1.34 -7.28 3.19
CA ALA A 230 -2.49 -8.16 3.43
C ALA A 230 -2.36 -8.86 4.81
N LEU A 231 -1.19 -9.44 5.12
CA LEU A 231 -0.93 -10.06 6.38
C LEU A 231 -1.13 -9.09 7.56
N ALA A 232 -0.70 -7.86 7.40
CA ALA A 232 -0.86 -6.83 8.45
C ALA A 232 -2.36 -6.55 8.75
N ASN A 233 -3.15 -6.47 7.69
CA ASN A 233 -4.55 -6.22 7.84
C ASN A 233 -5.26 -7.42 8.47
N VAL A 234 -4.96 -8.64 8.02
CA VAL A 234 -5.54 -9.86 8.61
C VAL A 234 -5.27 -9.85 10.11
N ASN A 235 -4.02 -9.68 10.47
CA ASN A 235 -3.67 -9.83 11.88
C ASN A 235 -4.23 -8.66 12.68
N ALA A 236 -4.22 -7.45 12.12
CA ALA A 236 -4.80 -6.28 12.83
C ALA A 236 -6.29 -6.46 13.22
N PHE A 237 -7.06 -6.95 12.26
CA PHE A 237 -8.46 -7.30 12.49
C PHE A 237 -8.65 -8.55 13.33
N TYR A 238 -7.78 -9.55 13.20
CA TYR A 238 -7.87 -10.75 13.98
C TYR A 238 -7.76 -10.38 15.43
N ARG A 239 -6.84 -9.47 15.71
CA ARG A 239 -6.54 -9.09 17.07
C ARG A 239 -7.66 -8.14 17.63
N ARG A 240 -8.20 -7.27 16.83
CA ARG A 240 -9.22 -6.36 17.24
C ARG A 240 -10.68 -6.88 17.17
N CYS A 241 -10.93 -7.97 16.46
CA CYS A 241 -12.29 -8.45 16.30
C CYS A 241 -12.42 -9.87 16.74
N PRO A 242 -12.37 -9.99 18.14
CA PRO A 242 -12.27 -11.37 18.60
C PRO A 242 -13.53 -12.19 18.46
N ASP A 243 -14.65 -11.54 18.25
CA ASP A 243 -15.87 -12.26 18.02
C ASP A 243 -16.18 -12.49 16.53
N LYS A 244 -15.26 -12.15 15.62
CA LYS A 244 -15.52 -12.29 14.19
C LYS A 244 -14.47 -13.20 13.58
N LEU A 245 -14.80 -13.78 12.44
CA LEU A 245 -13.79 -14.52 11.64
C LEU A 245 -13.08 -13.50 10.76
N VAL A 246 -11.81 -13.77 10.43
CA VAL A 246 -11.14 -13.03 9.42
C VAL A 246 -10.79 -14.00 8.28
N PHE A 247 -11.10 -13.57 7.05
CA PHE A 247 -10.68 -14.26 5.81
C PHE A 247 -9.49 -13.44 5.23
N GLY A 248 -8.46 -14.14 4.78
CA GLY A 248 -7.30 -13.47 4.23
C GLY A 248 -7.34 -13.49 2.75
N CYS A 249 -6.85 -12.40 2.16
CA CYS A 249 -6.84 -12.27 0.72
C CYS A 249 -5.71 -11.29 0.41
N GLY A 250 -4.75 -11.68 -0.43
CA GLY A 250 -3.70 -10.72 -0.92
C GLY A 250 -2.39 -11.49 -1.01
N GLY A 251 -1.93 -11.65 -2.24
CA GLY A 251 -0.62 -12.18 -2.46
C GLY A 251 -0.38 -13.65 -2.27
N VAL A 252 -1.43 -14.46 -2.24
CA VAL A 252 -1.26 -15.88 -2.11
C VAL A 252 -0.93 -16.50 -3.44
N TYR A 253 0.29 -17.00 -3.56
CA TYR A 253 0.73 -17.84 -4.68
C TYR A 253 1.21 -19.25 -4.29
N SER A 254 1.19 -19.60 -3.02
CA SER A 254 1.79 -20.84 -2.57
C SER A 254 1.23 -21.25 -1.22
N GLY A 255 1.44 -22.50 -0.88
CA GLY A 255 0.95 -23.00 0.41
C GLY A 255 1.66 -22.22 1.53
N GLU A 256 2.88 -21.81 1.30
CA GLU A 256 3.58 -21.04 2.31
C GLU A 256 2.92 -19.69 2.53
N ASP A 257 2.54 -18.98 1.43
CA ASP A 257 1.77 -17.72 1.60
C ASP A 257 0.46 -17.96 2.36
N ALA A 258 -0.21 -19.07 2.04
CA ALA A 258 -1.45 -19.46 2.75
C ALA A 258 -1.17 -19.72 4.22
N PHE A 259 -0.08 -20.42 4.50
CA PHE A 259 0.37 -20.66 5.88
C PHE A 259 0.58 -19.38 6.68
N LEU A 260 1.19 -18.36 6.07
CA LEU A 260 1.39 -17.09 6.71
C LEU A 260 0.11 -16.37 6.96
N HIS A 261 -0.79 -16.38 5.98
CA HIS A 261 -2.11 -15.83 6.24
C HIS A 261 -2.78 -16.41 7.46
N ILE A 262 -2.76 -17.72 7.52
CA ILE A 262 -3.42 -18.47 8.54
C ILE A 262 -2.78 -18.17 9.90
N LEU A 263 -1.48 -18.10 9.94
CA LEU A 263 -0.75 -17.73 11.14
C LEU A 263 -1.17 -16.35 11.64
N ALA A 264 -1.41 -15.46 10.73
CA ALA A 264 -1.86 -14.12 11.00
C ALA A 264 -3.26 -14.05 11.58
N GLY A 265 -3.98 -15.15 11.45
CA GLY A 265 -5.37 -15.29 11.85
C GLY A 265 -6.47 -15.65 10.85
N ALA A 266 -6.13 -15.88 9.60
CA ALA A 266 -7.08 -16.18 8.56
C ALA A 266 -7.78 -17.51 8.78
N SER A 267 -9.06 -17.51 8.46
CA SER A 267 -9.86 -18.70 8.46
C SER A 267 -9.93 -19.21 7.04
N MET A 268 -10.65 -18.57 6.17
CA MET A 268 -10.62 -18.81 4.76
C MET A 268 -9.45 -18.03 4.12
N VAL A 269 -8.99 -18.52 3.00
CA VAL A 269 -7.92 -17.91 2.30
C VAL A 269 -8.29 -17.78 0.81
N GLN A 270 -8.37 -16.55 0.35
CA GLN A 270 -8.77 -16.28 -0.97
C GLN A 270 -7.56 -16.01 -1.88
N VAL A 271 -7.81 -16.33 -3.17
CA VAL A 271 -6.81 -16.30 -4.16
C VAL A 271 -7.32 -15.54 -5.39
N GLY A 272 -6.63 -14.43 -5.70
CA GLY A 272 -6.99 -13.53 -6.79
C GLY A 272 -6.03 -13.64 -7.95
N THR A 273 -5.04 -12.75 -7.97
CA THR A 273 -4.10 -12.64 -9.10
C THR A 273 -3.54 -13.99 -9.49
N ALA A 274 -3.16 -14.76 -8.49
CA ALA A 274 -2.41 -16.02 -8.81
C ALA A 274 -3.35 -17.01 -9.49
N LEU A 275 -4.63 -16.92 -9.13
CA LEU A 275 -5.68 -17.73 -9.73
C LEU A 275 -5.99 -17.21 -11.19
N GLN A 276 -6.10 -15.92 -11.36
CA GLN A 276 -6.23 -15.36 -12.70
C GLN A 276 -5.09 -15.79 -13.62
N GLU A 277 -3.90 -15.87 -13.08
CA GLU A 277 -2.72 -16.22 -13.87
C GLU A 277 -2.51 -17.68 -14.12
N GLU A 278 -2.69 -18.49 -13.11
CA GLU A 278 -2.44 -19.89 -13.16
C GLU A 278 -3.67 -20.75 -13.53
N GLY A 279 -4.88 -20.28 -13.18
CA GLY A 279 -6.07 -21.09 -13.42
C GLY A 279 -6.39 -21.94 -12.20
N PRO A 280 -7.52 -22.64 -12.25
CA PRO A 280 -8.07 -23.32 -11.07
C PRO A 280 -7.27 -24.52 -10.61
N GLY A 281 -6.39 -25.02 -11.46
CA GLY A 281 -5.40 -25.99 -11.01
C GLY A 281 -4.63 -25.56 -9.81
N ILE A 282 -4.59 -24.26 -9.57
CA ILE A 282 -3.74 -23.70 -8.49
C ILE A 282 -4.21 -24.30 -7.14
N PHE A 283 -5.51 -24.58 -7.04
CA PHE A 283 -6.04 -25.06 -5.77
C PHE A 283 -5.46 -26.41 -5.31
N THR A 284 -5.22 -27.34 -6.24
CA THR A 284 -4.58 -28.63 -5.77
C THR A 284 -3.16 -28.40 -5.30
N ARG A 285 -2.46 -27.50 -5.98
CA ARG A 285 -1.10 -27.21 -5.61
C ARG A 285 -1.06 -26.56 -4.27
N LEU A 286 -1.95 -25.59 -4.00
CA LEU A 286 -1.95 -24.87 -2.74
C LEU A 286 -2.25 -25.84 -1.58
N GLU A 287 -3.20 -26.72 -1.79
CA GLU A 287 -3.53 -27.71 -0.79
C GLU A 287 -2.34 -28.64 -0.47
N ASP A 288 -1.72 -29.19 -1.50
CA ASP A 288 -0.55 -30.08 -1.37
C ASP A 288 0.61 -29.38 -0.70
N GLU A 289 0.88 -28.15 -1.13
CA GLU A 289 1.89 -27.31 -0.46
C GLU A 289 1.65 -26.99 1.01
N LEU A 290 0.42 -26.65 1.37
CA LEU A 290 0.08 -26.31 2.72
C LEU A 290 0.18 -27.59 3.57
N LEU A 291 -0.30 -28.71 3.04
CA LEU A 291 -0.24 -29.97 3.79
C LEU A 291 1.18 -30.42 3.99
N GLU A 292 2.07 -30.14 3.04
CA GLU A 292 3.49 -30.46 3.20
C GLU A 292 4.11 -29.65 4.34
N ILE A 293 3.85 -28.34 4.38
CA ILE A 293 4.34 -27.51 5.49
C ILE A 293 3.82 -27.98 6.86
N MET A 294 2.53 -28.26 6.92
CA MET A 294 1.95 -28.85 8.12
C MET A 294 2.66 -30.14 8.53
N ALA A 295 2.87 -31.06 7.60
CA ALA A 295 3.54 -32.32 7.94
C ALA A 295 4.92 -32.14 8.54
N ARG A 296 5.71 -31.32 7.91
CA ARG A 296 7.02 -30.99 8.40
C ARG A 296 7.02 -30.38 9.81
N LYS A 297 6.01 -29.58 10.14
CA LYS A 297 5.90 -28.95 11.44
C LYS A 297 5.16 -29.80 12.40
N GLY A 298 4.59 -30.90 11.97
CA GLY A 298 3.79 -31.68 12.89
C GLY A 298 2.40 -31.15 13.19
N TYR A 299 1.85 -30.28 12.35
CA TYR A 299 0.49 -29.77 12.60
C TYR A 299 -0.53 -30.69 11.88
N ARG A 300 -1.61 -31.03 12.56
CA ARG A 300 -2.61 -31.92 11.98
C ARG A 300 -3.90 -31.22 11.50
N THR A 301 -4.20 -30.10 12.09
CA THR A 301 -5.31 -29.25 11.69
C THR A 301 -4.88 -27.75 11.62
N LEU A 302 -5.75 -26.95 10.96
CA LEU A 302 -5.53 -25.50 10.79
C LEU A 302 -5.64 -24.75 12.13
N GLU A 303 -6.48 -25.24 13.04
CA GLU A 303 -6.66 -24.56 14.33
C GLU A 303 -5.43 -24.66 15.21
N GLU A 304 -4.54 -25.62 14.96
CA GLU A 304 -3.34 -25.73 15.74
C GLU A 304 -2.42 -24.53 15.55
N PHE A 305 -2.53 -23.85 14.42
CA PHE A 305 -1.65 -22.66 14.17
C PHE A 305 -2.33 -21.33 13.76
N ARG A 306 -3.66 -21.35 13.53
CA ARG A 306 -4.36 -20.12 13.14
C ARG A 306 -4.20 -19.01 14.19
N GLY A 307 -3.76 -17.84 13.76
CA GLY A 307 -3.55 -16.73 14.66
C GLY A 307 -2.35 -16.86 15.61
N ARG A 308 -1.51 -17.86 15.43
CA ARG A 308 -0.45 -18.09 16.42
C ARG A 308 0.89 -17.54 15.98
N VAL A 309 0.85 -16.54 15.11
CA VAL A 309 2.07 -15.84 14.73
C VAL A 309 2.76 -15.36 16.02
N LYS A 310 4.06 -15.56 16.11
CA LYS A 310 4.81 -15.14 17.33
C LYS A 310 5.28 -13.73 17.14
N THR A 311 5.33 -12.96 18.19
CA THR A 311 6.05 -11.69 18.20
C THR A 311 7.40 -11.87 18.94
N ILE A 312 8.28 -10.88 18.84
CA ILE A 312 9.62 -10.93 19.46
C ILE A 312 9.54 -10.20 20.82
N GLU A 313 9.72 -10.91 21.93
CA GLU A 313 9.39 -10.36 23.28
C GLU A 313 7.89 -9.94 23.29
N MET B 1 27.72 13.39 -23.01
CA MET B 1 26.43 13.14 -22.26
C MET B 1 26.58 12.96 -20.74
N CYS B 2 25.87 13.82 -20.01
CA CYS B 2 25.92 13.82 -18.55
C CYS B 2 24.48 14.10 -18.09
N LEU B 3 24.20 13.69 -16.83
CA LEU B 3 22.87 13.79 -16.20
C LEU B 3 22.69 15.03 -15.32
N LYS B 4 23.53 16.06 -15.52
CA LYS B 4 23.49 17.31 -14.71
C LYS B 4 22.15 18.01 -14.83
N LEU B 5 21.68 18.62 -13.74
CA LEU B 5 20.48 19.39 -13.70
C LEU B 5 20.54 20.47 -12.60
N ASN B 6 19.61 21.40 -12.66
CA ASN B 6 19.58 22.55 -11.83
C ASN B 6 18.23 22.58 -11.29
N LEU B 7 18.08 22.65 -9.97
CA LEU B 7 16.80 23.05 -9.40
C LEU B 7 16.89 23.65 -8.06
N LEU B 8 15.85 24.34 -7.67
CA LEU B 8 15.83 25.01 -6.40
C LEU B 8 17.09 25.88 -6.31
N ASP B 9 17.60 26.39 -7.40
CA ASP B 9 18.82 27.19 -7.36
C ASP B 9 20.08 26.47 -6.95
N HIS B 10 20.15 25.18 -7.21
CA HIS B 10 21.34 24.44 -6.94
C HIS B 10 21.61 23.60 -8.15
N VAL B 11 22.87 23.25 -8.32
CA VAL B 11 23.26 22.39 -9.39
C VAL B 11 23.45 21.01 -8.85
N PHE B 12 22.98 20.01 -9.60
CA PHE B 12 23.14 18.62 -9.18
C PHE B 12 23.78 17.85 -10.35
N ALA B 13 24.78 17.04 -10.06
CA ALA B 13 25.50 16.25 -11.05
C ALA B 13 24.67 15.19 -11.68
N ASN B 14 23.66 14.72 -10.93
CA ASN B 14 22.71 13.76 -11.43
C ASN B 14 21.51 13.78 -10.47
N PRO B 15 20.44 13.13 -10.85
CA PRO B 15 19.22 13.23 -10.05
C PRO B 15 19.13 12.30 -8.82
N PHE B 16 20.15 11.50 -8.57
CA PHE B 16 20.08 10.52 -7.51
C PHE B 16 20.52 11.04 -6.15
N MET B 17 19.85 10.58 -5.09
CA MET B 17 20.24 10.80 -3.72
C MET B 17 19.75 9.67 -2.87
N ASN B 18 20.23 9.60 -1.65
CA ASN B 18 19.67 8.66 -0.68
C ASN B 18 18.30 9.13 -0.29
N ALA B 19 17.54 8.16 0.16
CA ALA B 19 16.30 8.39 0.89
C ALA B 19 16.59 8.71 2.32
N ALA B 20 15.82 9.65 2.89
CA ALA B 20 16.02 10.00 4.27
C ALA B 20 15.93 8.74 5.12
N GLY B 21 16.86 8.65 6.08
CA GLY B 21 16.98 7.51 6.95
C GLY B 21 18.03 6.52 6.57
N VAL B 22 18.42 6.47 5.31
CA VAL B 22 19.34 5.40 4.90
C VAL B 22 20.72 6.02 4.71
N LEU B 23 21.71 5.44 5.35
CA LEU B 23 23.11 5.88 5.23
C LEU B 23 23.26 7.39 5.47
N CYS B 24 22.62 7.86 6.52
CA CYS B 24 22.69 9.26 6.76
C CYS B 24 22.53 9.71 8.20
N SER B 25 22.80 8.84 9.16
CA SER B 25 22.54 9.11 10.55
C SER B 25 23.72 9.73 11.31
N THR B 26 24.92 9.36 10.95
CA THR B 26 26.12 9.76 11.63
C THR B 26 27.04 10.55 10.70
N GLU B 27 28.06 11.15 11.29
CA GLU B 27 28.96 11.96 10.50
C GLU B 27 29.60 11.03 9.46
N GLU B 28 29.89 9.82 9.89
CA GLU B 28 30.47 8.82 9.05
C GLU B 28 29.55 8.54 7.86
N ASP B 29 28.26 8.37 8.09
CA ASP B 29 27.33 8.11 7.02
C ASP B 29 27.26 9.25 5.99
N LEU B 30 27.18 10.46 6.50
CA LEU B 30 27.08 11.66 5.70
C LEU B 30 28.34 11.89 4.89
N ARG B 31 29.48 11.67 5.52
CA ARG B 31 30.73 11.72 4.76
C ARG B 31 30.77 10.66 3.64
N CYS B 32 30.28 9.47 3.95
CA CYS B 32 30.23 8.41 2.94
C CYS B 32 29.29 8.78 1.77
N MET B 33 28.08 9.27 2.08
CA MET B 33 27.14 9.73 1.05
C MET B 33 27.71 10.92 0.23
N THR B 34 28.45 11.79 0.90
CA THR B 34 29.12 12.90 0.19
C THR B 34 30.15 12.36 -0.79
N ALA B 35 30.92 11.38 -0.38
CA ALA B 35 32.00 10.81 -1.27
C ALA B 35 31.44 9.95 -2.37
N SER B 36 30.18 9.50 -2.24
CA SER B 36 29.53 8.77 -3.31
C SER B 36 29.32 9.60 -4.60
N SER B 37 28.91 8.90 -5.65
CA SER B 37 28.51 9.54 -6.90
C SER B 37 27.14 10.10 -6.88
N SER B 38 26.47 10.05 -5.76
CA SER B 38 25.15 10.69 -5.76
C SER B 38 25.19 12.15 -6.11
N GLY B 39 24.09 12.60 -6.63
CA GLY B 39 23.87 13.97 -6.89
C GLY B 39 23.59 14.91 -5.73
N ALA B 40 23.08 14.35 -4.65
CA ALA B 40 22.80 15.07 -3.43
C ALA B 40 22.73 14.01 -2.29
N LEU B 41 22.55 14.49 -1.07
CA LEU B 41 22.24 13.63 0.05
C LEU B 41 21.26 14.33 0.95
N VAL B 42 20.58 13.56 1.77
CA VAL B 42 19.66 14.04 2.78
C VAL B 42 20.02 13.40 4.13
N SER B 43 19.96 14.18 5.21
CA SER B 43 20.22 13.62 6.56
C SER B 43 19.05 12.79 7.08
N LYS B 44 19.31 11.96 8.11
CA LYS B 44 18.29 11.24 8.86
C LYS B 44 17.31 12.26 9.44
N SER B 45 16.01 11.98 9.41
CA SER B 45 15.03 12.87 10.00
C SER B 45 15.43 13.04 11.46
N CYS B 46 15.41 14.28 11.93
CA CYS B 46 15.80 14.56 13.30
C CYS B 46 14.73 15.18 14.17
N THR B 47 14.99 15.01 15.45
CA THR B 47 14.22 15.62 16.51
C THR B 47 15.12 16.62 17.29
N SER B 48 14.51 17.43 18.14
CA SER B 48 15.25 18.40 18.90
C SER B 48 16.31 17.71 19.72
N ALA B 49 15.90 16.67 20.45
CA ALA B 49 16.81 15.88 21.30
C ALA B 49 17.20 14.56 20.57
N PRO B 50 18.34 13.98 20.91
CA PRO B 50 18.76 12.66 20.38
C PRO B 50 17.74 11.60 20.76
N ARG B 51 17.56 10.54 19.94
CA ARG B 51 16.75 9.40 20.28
C ARG B 51 17.51 8.13 19.95
N ASP B 52 17.36 7.14 20.84
CA ASP B 52 17.84 5.77 20.61
C ASP B 52 17.00 5.00 19.59
N GLY B 53 15.76 5.40 19.38
CA GLY B 53 14.85 4.61 18.56
C GLY B 53 14.32 3.38 19.22
N ASN B 54 13.66 2.55 18.43
CA ASN B 54 13.02 1.33 18.90
C ASN B 54 13.98 0.19 19.15
N PRO B 55 13.51 -0.82 19.92
CA PRO B 55 14.34 -1.98 20.16
C PRO B 55 14.69 -2.75 18.90
N GLU B 56 15.88 -3.40 18.85
CA GLU B 56 16.29 -4.20 17.67
C GLU B 56 15.84 -5.62 17.85
N PRO B 57 15.62 -6.39 16.77
CA PRO B 57 15.75 -6.01 15.37
C PRO B 57 14.66 -5.05 14.93
N ARG B 58 14.98 -4.05 14.10
CA ARG B 58 14.01 -3.00 13.76
C ARG B 58 13.95 -2.71 12.24
N TYR B 59 14.85 -3.38 11.49
CA TYR B 59 14.91 -3.31 10.04
C TYR B 59 15.20 -4.69 9.54
N MET B 60 14.51 -5.12 8.50
CA MET B 60 14.91 -6.37 7.83
C MET B 60 14.62 -6.28 6.37
N ALA B 61 15.46 -6.90 5.56
CA ALA B 61 15.24 -6.82 4.12
C ALA B 61 15.17 -8.20 3.53
N PHE B 62 14.53 -8.29 2.37
CA PHE B 62 14.21 -9.54 1.71
C PHE B 62 14.28 -9.31 0.23
N PRO B 63 14.15 -10.38 -0.56
CA PRO B 63 14.33 -10.17 -1.97
C PRO B 63 13.40 -9.11 -2.52
N LEU B 64 12.14 -9.02 -2.06
CA LEU B 64 11.25 -7.97 -2.61
C LEU B 64 11.20 -6.61 -1.89
N GLY B 65 11.92 -6.47 -0.80
CA GLY B 65 11.93 -5.16 -0.15
C GLY B 65 12.25 -5.28 1.31
N SER B 66 11.87 -4.27 2.07
CA SER B 66 12.27 -4.17 3.46
C SER B 66 11.08 -3.74 4.33
N ILE B 67 11.24 -3.96 5.60
CA ILE B 67 10.26 -3.49 6.62
C ILE B 67 11.11 -2.86 7.72
N ASN B 68 10.63 -1.75 8.29
CA ASN B 68 11.32 -1.11 9.36
C ASN B 68 10.37 -0.45 10.34
N SER B 69 10.80 -0.45 11.62
CA SER B 69 10.17 0.36 12.61
C SER B 69 11.33 0.89 13.39
N MET B 70 12.10 1.78 12.75
CA MET B 70 13.32 2.27 13.39
C MET B 70 12.97 3.05 14.66
N GLY B 71 11.92 3.86 14.59
CA GLY B 71 11.53 4.74 15.74
C GLY B 71 12.26 6.09 15.82
N LEU B 72 12.68 6.59 14.66
CA LEU B 72 13.39 7.84 14.57
C LEU B 72 14.65 7.94 15.45
N PRO B 73 15.48 6.89 15.44
CA PRO B 73 16.77 7.08 16.09
C PRO B 73 17.59 8.16 15.37
N ASN B 74 18.23 9.10 16.08
CA ASN B 74 19.01 10.15 15.44
C ASN B 74 19.83 10.86 16.47
N LEU B 75 20.83 11.58 16.00
CA LEU B 75 21.75 12.28 16.86
C LEU B 75 21.26 13.61 17.45
N GLY B 76 20.05 14.03 17.08
CA GLY B 76 19.52 15.25 17.47
C GLY B 76 19.84 16.40 16.52
N PHE B 77 18.96 17.38 16.51
CA PHE B 77 19.01 18.47 15.60
C PHE B 77 20.30 19.26 15.68
N ASP B 78 20.83 19.52 16.90
CA ASP B 78 22.12 20.26 17.01
C ASP B 78 23.21 19.61 16.15
N PHE B 79 23.25 18.30 16.12
CA PHE B 79 24.30 17.61 15.31
C PHE B 79 24.10 17.82 13.81
N TYR B 80 22.88 17.66 13.29
CA TYR B 80 22.68 17.82 11.82
C TYR B 80 22.85 19.29 11.42
N LEU B 81 22.46 20.19 12.31
CA LEU B 81 22.63 21.61 12.04
C LEU B 81 24.12 21.97 11.96
N LYS B 82 24.91 21.44 12.88
CA LYS B 82 26.31 21.64 12.89
C LYS B 82 26.93 20.99 11.66
N TYR B 83 26.44 19.80 11.31
CA TYR B 83 26.93 19.18 10.04
C TYR B 83 26.66 20.15 8.85
N ALA B 84 25.44 20.65 8.79
CA ALA B 84 25.08 21.52 7.68
C ALA B 84 25.92 22.85 7.66
N SER B 85 26.18 23.32 8.86
CA SER B 85 26.78 24.63 9.10
C SER B 85 28.30 24.64 9.02
N ASP B 86 28.95 23.63 9.53
CA ASP B 86 30.42 23.59 9.61
C ASP B 86 31.12 22.45 8.88
N LEU B 87 30.44 21.31 8.63
CA LEU B 87 31.16 20.08 8.17
C LEU B 87 30.92 19.74 6.70
N HIS B 88 29.74 20.04 6.17
CA HIS B 88 29.43 19.61 4.84
C HIS B 88 30.19 20.41 3.84
N ASP B 89 30.74 19.71 2.86
CA ASP B 89 31.39 20.34 1.73
C ASP B 89 30.42 20.58 0.57
N TYR B 90 29.90 21.79 0.55
CA TYR B 90 28.92 22.17 -0.46
C TYR B 90 29.47 22.20 -1.88
N SER B 91 30.78 22.20 -2.04
CA SER B 91 31.40 22.12 -3.35
C SER B 91 31.25 20.72 -3.94
N LYS B 92 30.94 19.72 -3.11
CA LYS B 92 30.73 18.33 -3.55
C LYS B 92 29.30 18.07 -4.05
N LYS B 93 28.30 18.50 -3.28
CA LYS B 93 26.93 18.32 -3.72
C LYS B 93 26.04 19.00 -2.76
N PRO B 94 24.83 19.24 -3.18
CA PRO B 94 23.90 19.83 -2.22
C PRO B 94 23.46 18.89 -1.09
N LEU B 95 23.06 19.50 0.04
CA LEU B 95 22.56 18.83 1.18
C LEU B 95 21.14 19.27 1.51
N PHE B 96 20.31 18.27 1.83
CA PHE B 96 19.05 18.41 2.36
C PHE B 96 19.09 17.95 3.80
N LEU B 97 18.36 18.65 4.67
CA LEU B 97 18.23 18.21 6.02
C LEU B 97 16.73 17.87 6.29
N SER B 98 16.47 16.69 6.81
CA SER B 98 15.13 16.25 7.10
C SER B 98 14.78 16.48 8.56
N ILE B 99 13.69 17.15 8.80
CA ILE B 99 13.23 17.38 10.15
C ILE B 99 11.90 16.70 10.43
N SER B 100 11.81 16.06 11.58
CA SER B 100 10.67 15.27 11.90
C SER B 100 10.33 15.43 13.38
N GLY B 101 9.98 16.62 13.79
CA GLY B 101 9.57 16.84 15.15
C GLY B 101 8.25 16.15 15.44
N LEU B 102 8.04 15.85 16.70
CA LEU B 102 6.89 15.13 17.16
C LEU B 102 5.64 15.98 17.43
N SER B 103 5.81 17.28 17.31
CA SER B 103 4.70 18.22 17.31
C SER B 103 5.04 19.37 16.43
N VAL B 104 4.04 20.18 16.14
CA VAL B 104 4.26 21.40 15.42
C VAL B 104 5.27 22.33 16.08
N GLU B 105 5.21 22.44 17.40
CA GLU B 105 6.09 23.35 18.15
C GLU B 105 7.55 22.95 18.00
N GLU B 106 7.78 21.66 18.11
CA GLU B 106 9.15 21.18 17.95
C GLU B 106 9.66 21.51 16.54
N ASN B 107 8.80 21.25 15.52
CA ASN B 107 9.15 21.59 14.17
C ASN B 107 9.46 23.06 14.02
N VAL B 108 8.64 23.94 14.60
CA VAL B 108 8.83 25.38 14.48
C VAL B 108 10.17 25.78 15.10
N ALA B 109 10.49 25.23 16.25
CA ALA B 109 11.72 25.61 16.93
C ALA B 109 12.99 25.18 16.12
N MET B 110 12.92 24.00 15.52
CA MET B 110 14.01 23.59 14.63
C MET B 110 14.13 24.47 13.39
N VAL B 111 13.03 24.69 12.65
CA VAL B 111 13.15 25.46 11.42
C VAL B 111 13.63 26.92 11.64
N ARG B 112 13.22 27.55 12.73
CA ARG B 112 13.71 28.94 13.01
C ARG B 112 15.22 28.98 13.06
N ARG B 113 15.80 27.94 13.63
CA ARG B 113 17.28 27.84 13.73
C ARG B 113 17.93 27.43 12.44
N LEU B 114 17.23 26.65 11.63
CA LEU B 114 17.79 26.22 10.38
C LEU B 114 17.80 27.36 9.41
N ALA B 115 16.77 28.21 9.44
CA ALA B 115 16.67 29.33 8.46
C ALA B 115 17.98 30.11 8.13
N PRO B 116 18.71 30.59 9.15
CA PRO B 116 19.96 31.33 8.84
C PRO B 116 21.03 30.47 8.21
N VAL B 117 21.07 29.19 8.55
CA VAL B 117 22.08 28.31 7.89
C VAL B 117 21.67 28.05 6.44
N ALA B 118 20.37 27.89 6.21
CA ALA B 118 19.86 27.73 4.84
C ALA B 118 20.25 28.97 4.05
N GLN B 119 20.01 30.16 4.62
CA GLN B 119 20.31 31.43 3.92
C GLN B 119 21.77 31.42 3.59
N GLU B 120 22.60 31.14 4.56
CA GLU B 120 24.05 31.33 4.45
C GLU B 120 24.75 30.23 3.60
N LYS B 121 24.32 28.96 3.75
CA LYS B 121 25.03 27.80 3.14
C LYS B 121 24.26 27.10 2.00
N GLY B 122 22.95 27.27 1.97
CA GLY B 122 22.13 26.67 0.94
C GLY B 122 21.55 25.27 1.26
N VAL B 123 21.73 24.76 2.49
CA VAL B 123 21.07 23.55 2.98
C VAL B 123 19.59 23.70 2.74
N LEU B 124 18.98 22.65 2.23
CA LEU B 124 17.54 22.59 1.92
C LEU B 124 16.78 21.77 2.96
N LEU B 125 15.58 22.20 3.30
CA LEU B 125 14.74 21.54 4.26
C LEU B 125 13.78 20.59 3.58
N GLU B 126 13.71 19.35 4.11
CA GLU B 126 12.66 18.39 3.78
C GLU B 126 11.93 18.11 5.07
N LEU B 127 10.68 18.55 5.15
CA LEU B 127 9.88 18.37 6.32
C LEU B 127 9.12 17.07 6.24
N ASN B 128 9.31 16.19 7.21
CA ASN B 128 8.74 14.90 7.12
C ASN B 128 7.34 14.90 7.69
N LEU B 129 6.35 14.81 6.84
CA LEU B 129 4.95 14.83 7.28
C LEU B 129 4.43 13.44 7.59
N SER B 130 5.34 12.49 7.60
CA SER B 130 4.98 11.09 7.64
C SER B 130 5.05 10.37 8.99
N CYS B 131 5.10 11.06 10.12
CA CYS B 131 5.08 10.44 11.46
C CYS B 131 3.74 9.90 11.97
N PRO B 132 3.71 8.71 12.77
CA PRO B 132 2.31 8.26 13.14
C PRO B 132 1.40 8.53 14.47
N ASN B 133 1.68 7.97 15.65
CA ASN B 133 0.65 7.71 16.68
C ASN B 133 0.30 8.80 17.73
N VAL B 134 0.02 8.29 18.93
CA VAL B 134 -0.90 8.76 19.91
C VAL B 134 -2.11 7.93 19.56
N PRO B 135 -2.33 6.81 20.23
CA PRO B 135 -3.53 6.04 19.81
C PRO B 135 -4.75 6.95 19.67
N GLY B 136 -5.46 6.78 18.58
CA GLY B 136 -6.56 7.65 18.27
C GLY B 136 -6.27 8.86 17.39
N LYS B 137 -5.03 9.09 16.97
CA LYS B 137 -4.79 10.07 15.91
C LYS B 137 -3.90 9.63 14.73
N PRO B 138 -4.43 9.91 13.46
CA PRO B 138 -3.58 9.42 12.35
C PRO B 138 -2.34 10.26 12.15
N GLN B 139 -1.38 9.74 11.44
CA GLN B 139 -0.19 10.48 11.16
C GLN B 139 -0.56 11.75 10.42
N VAL B 140 0.29 12.76 10.54
CA VAL B 140 -0.11 14.14 10.23
C VAL B 140 -0.61 14.24 8.79
N ALA B 141 0.04 13.53 7.88
CA ALA B 141 -0.30 13.66 6.46
C ALA B 141 -1.62 13.00 6.10
N TYR B 142 -2.14 12.14 6.99
CA TYR B 142 -3.46 11.57 6.87
C TYR B 142 -4.56 12.31 7.68
N ASP B 143 -4.24 13.50 8.17
CA ASP B 143 -5.16 14.39 8.89
C ASP B 143 -4.96 15.77 8.30
N PHE B 144 -5.82 16.14 7.38
CA PHE B 144 -5.51 17.27 6.47
C PHE B 144 -5.56 18.58 7.22
N GLU B 145 -6.35 18.66 8.28
CA GLU B 145 -6.31 19.88 9.13
C GLU B 145 -4.97 20.02 9.87
N ALA B 146 -4.45 18.94 10.44
CA ALA B 146 -3.12 19.03 11.05
C ALA B 146 -2.05 19.41 10.06
N MET B 147 -2.11 18.78 8.88
CA MET B 147 -1.14 19.07 7.82
C MET B 147 -1.16 20.53 7.49
N ARG B 148 -2.37 21.09 7.30
CA ARG B 148 -2.46 22.53 6.99
C ARG B 148 -1.80 23.38 8.11
N THR B 149 -2.04 22.99 9.34
CA THR B 149 -1.46 23.71 10.49
C THR B 149 0.04 23.65 10.52
N TYR B 150 0.57 22.45 10.38
CA TYR B 150 2.01 22.29 10.32
C TYR B 150 2.59 23.16 9.24
N LEU B 151 2.00 23.15 8.03
CA LEU B 151 2.60 23.93 6.92
C LEU B 151 2.42 25.41 7.18
N GLN B 152 1.29 25.80 7.76
CA GLN B 152 1.12 27.27 8.08
C GLN B 152 2.25 27.74 8.98
N GLN B 153 2.44 26.98 10.04
CA GLN B 153 3.41 27.37 11.11
C GLN B 153 4.84 27.31 10.66
N VAL B 154 5.16 26.27 9.88
CA VAL B 154 6.50 26.12 9.39
C VAL B 154 6.80 27.15 8.35
N SER B 155 5.89 27.42 7.43
CA SER B 155 6.15 28.48 6.44
C SER B 155 6.39 29.82 7.15
N LEU B 156 5.56 30.12 8.14
CA LEU B 156 5.73 31.37 8.92
C LEU B 156 7.09 31.39 9.61
N ALA B 157 7.44 30.31 10.30
CA ALA B 157 8.66 30.26 11.06
C ALA B 157 9.90 30.18 10.16
N TYR B 158 9.85 29.47 9.04
CA TYR B 158 11.02 29.22 8.26
C TYR B 158 11.20 30.32 7.24
N GLY B 159 10.13 30.67 6.56
CA GLY B 159 10.13 31.75 5.57
C GLY B 159 10.95 31.57 4.32
N LEU B 160 11.43 30.36 4.01
CA LEU B 160 12.20 30.11 2.77
C LEU B 160 11.64 28.85 2.06
N PRO B 161 12.00 28.66 0.78
CA PRO B 161 11.53 27.45 0.03
C PRO B 161 11.88 26.23 0.81
N PHE B 162 10.96 25.26 0.91
CA PHE B 162 11.26 23.94 1.48
C PHE B 162 10.40 22.89 0.77
N GLY B 163 10.60 21.65 1.20
CA GLY B 163 9.91 20.52 0.63
C GLY B 163 9.34 19.69 1.73
N VAL B 164 8.46 18.78 1.33
CA VAL B 164 7.78 17.93 2.23
C VAL B 164 7.92 16.47 1.78
N LYS B 165 8.06 15.55 2.75
CA LYS B 165 8.09 14.11 2.55
C LYS B 165 6.70 13.57 2.89
N MET B 166 6.06 12.97 1.88
CA MET B 166 4.67 12.52 1.97
C MET B 166 4.56 10.99 2.08
N PRO B 167 3.64 10.50 2.91
CA PRO B 167 3.31 9.10 2.85
C PRO B 167 2.48 8.86 1.60
N PRO B 168 2.37 7.60 1.16
CA PRO B 168 1.51 7.29 -0.01
C PRO B 168 0.06 7.46 0.33
N TYR B 169 -0.69 7.94 -0.63
CA TYR B 169 -2.13 7.81 -0.61
C TYR B 169 -2.62 6.75 -1.61
N PHE B 170 -3.88 6.37 -1.43
CA PHE B 170 -4.47 5.23 -2.11
C PHE B 170 -5.82 5.48 -2.69
N ASP B 171 -6.25 6.72 -2.65
CA ASP B 171 -7.62 7.01 -3.02
C ASP B 171 -7.55 8.38 -3.73
N ILE B 172 -8.20 8.50 -4.88
CA ILE B 172 -8.14 9.74 -5.69
C ILE B 172 -8.64 10.96 -4.92
N ALA B 173 -9.69 10.81 -4.14
CA ALA B 173 -10.17 11.94 -3.35
C ALA B 173 -9.09 12.45 -2.44
N HIS B 174 -8.31 11.55 -1.80
CA HIS B 174 -7.19 12.01 -0.98
C HIS B 174 -6.07 12.67 -1.74
N PHE B 175 -5.72 12.17 -2.91
CA PHE B 175 -4.80 12.93 -3.77
C PHE B 175 -5.31 14.39 -3.99
N ASP B 176 -6.60 14.54 -4.33
CA ASP B 176 -7.13 15.90 -4.65
C ASP B 176 -7.04 16.75 -3.38
N THR B 177 -7.43 16.20 -2.24
CA THR B 177 -7.36 16.98 -1.00
C THR B 177 -5.93 17.32 -0.59
N ALA B 178 -5.04 16.33 -0.59
CA ALA B 178 -3.67 16.52 -0.11
C ALA B 178 -2.98 17.53 -1.00
N ALA B 179 -3.20 17.43 -2.30
CA ALA B 179 -2.50 18.33 -3.22
C ALA B 179 -3.04 19.75 -3.06
N ALA B 180 -4.33 19.87 -2.87
CA ALA B 180 -4.91 21.20 -2.65
C ALA B 180 -4.34 21.83 -1.39
N VAL B 181 -4.17 21.06 -0.33
CA VAL B 181 -3.51 21.65 0.87
C VAL B 181 -2.10 22.15 0.54
N LEU B 182 -1.28 21.30 -0.09
CA LEU B 182 0.07 21.66 -0.40
C LEU B 182 0.13 22.91 -1.29
N ASN B 183 -0.78 22.98 -2.25
CA ASN B 183 -0.83 24.15 -3.11
C ASN B 183 -1.25 25.45 -2.39
N GLU B 184 -1.74 25.37 -1.16
CA GLU B 184 -1.99 26.61 -0.38
C GLU B 184 -0.72 27.24 0.05
N PHE B 185 0.43 26.54 -0.07
CA PHE B 185 1.70 27.03 0.44
C PHE B 185 2.75 27.26 -0.65
N PRO B 186 2.94 28.51 -1.04
CA PRO B 186 3.91 28.82 -2.09
C PRO B 186 5.37 28.49 -1.74
N LEU B 187 5.72 28.43 -0.47
CA LEU B 187 7.11 28.09 -0.07
C LEU B 187 7.35 26.56 -0.21
N VAL B 188 6.28 25.77 -0.38
CA VAL B 188 6.50 24.34 -0.49
C VAL B 188 6.88 24.13 -1.95
N LYS B 189 8.18 24.00 -2.24
CA LYS B 189 8.62 23.99 -3.64
C LYS B 189 8.87 22.57 -4.17
N PHE B 190 8.95 21.60 -3.27
CA PHE B 190 9.11 20.19 -3.70
C PHE B 190 8.36 19.31 -2.79
N VAL B 191 7.86 18.23 -3.37
CA VAL B 191 7.09 17.25 -2.69
C VAL B 191 7.78 15.91 -2.94
N THR B 192 8.18 15.20 -1.89
CA THR B 192 8.83 13.89 -2.06
C THR B 192 7.80 12.77 -1.82
N CYS B 193 7.56 11.97 -2.86
CA CYS B 193 6.59 10.89 -2.90
C CYS B 193 7.39 9.63 -3.20
N VAL B 194 7.53 8.69 -2.27
CA VAL B 194 6.79 8.52 -1.08
C VAL B 194 7.65 7.99 0.04
N ASN B 195 7.15 8.22 1.24
CA ASN B 195 7.63 7.48 2.42
C ASN B 195 7.25 6.00 2.36
N SER B 196 7.79 5.18 3.28
CA SER B 196 7.43 3.75 3.38
C SER B 196 5.90 3.49 3.45
N VAL B 197 5.48 2.39 2.87
CA VAL B 197 4.03 2.05 2.90
C VAL B 197 3.76 1.56 4.33
N GLY B 198 2.84 2.22 5.04
CA GLY B 198 2.69 2.07 6.46
C GLY B 198 2.12 0.73 6.96
N ASN B 199 2.69 0.30 8.06
CA ASN B 199 2.19 -0.83 8.82
C ASN B 199 1.91 -2.09 7.99
N GLY B 200 2.88 -2.55 7.22
CA GLY B 200 2.84 -3.90 6.71
C GLY B 200 3.40 -4.88 7.79
N LEU B 201 3.33 -6.16 7.50
CA LEU B 201 3.66 -7.19 8.46
C LEU B 201 4.34 -8.32 7.67
N VAL B 202 5.63 -8.53 7.93
CA VAL B 202 6.40 -9.67 7.39
C VAL B 202 6.51 -10.75 8.41
N ILE B 203 6.18 -11.99 7.99
CA ILE B 203 6.19 -13.15 8.85
C ILE B 203 7.12 -14.14 8.23
N ASP B 204 7.96 -14.75 9.05
CA ASP B 204 8.84 -15.83 8.58
C ASP B 204 8.12 -17.23 8.76
N ALA B 205 7.89 -17.99 7.68
CA ALA B 205 7.23 -19.28 7.76
C ALA B 205 7.97 -20.27 8.67
N GLU B 206 9.31 -20.31 8.59
CA GLU B 206 10.08 -21.34 9.36
C GLU B 206 9.92 -21.21 10.87
N SER B 207 10.12 -19.98 11.39
CA SER B 207 10.07 -19.66 12.78
C SER B 207 8.63 -19.34 13.27
N GLU B 208 7.74 -19.10 12.33
CA GLU B 208 6.35 -18.69 12.59
C GLU B 208 6.29 -17.40 13.36
N SER B 209 7.24 -16.50 13.09
CA SER B 209 7.44 -15.30 13.88
C SER B 209 7.50 -14.09 12.96
N VAL B 210 7.05 -12.95 13.44
CA VAL B 210 7.34 -11.70 12.80
C VAL B 210 8.87 -11.44 12.82
N VAL B 211 9.35 -10.49 12.01
CA VAL B 211 10.78 -10.33 11.83
C VAL B 211 11.40 -9.09 12.43
N ILE B 212 10.58 -8.14 12.90
CA ILE B 212 11.11 -7.04 13.63
C ILE B 212 10.35 -7.03 14.96
N LYS B 213 11.03 -6.50 15.97
CA LYS B 213 10.59 -6.56 17.37
C LYS B 213 9.57 -5.49 17.78
N PRO B 214 9.74 -4.25 17.31
CA PRO B 214 8.78 -3.22 17.72
C PRO B 214 7.36 -3.47 17.13
N LYS B 215 6.36 -2.96 17.83
CA LYS B 215 5.00 -2.87 17.31
C LYS B 215 4.44 -4.20 16.82
N GLN B 216 4.75 -5.30 17.51
CA GLN B 216 4.30 -6.61 17.21
C GLN B 216 4.65 -7.03 15.76
N GLY B 217 5.68 -6.39 15.24
CA GLY B 217 6.23 -6.75 13.93
C GLY B 217 5.77 -5.86 12.81
N PHE B 218 4.91 -4.87 13.10
CA PHE B 218 4.32 -4.01 12.08
C PHE B 218 5.33 -2.88 11.74
N GLY B 219 5.46 -2.51 10.49
CA GLY B 219 6.40 -1.50 10.15
C GLY B 219 6.26 -1.10 8.71
N GLY B 220 6.96 -0.06 8.37
CA GLY B 220 6.84 0.52 7.06
C GLY B 220 7.56 -0.29 6.00
N LEU B 221 6.93 -0.44 4.83
CA LEU B 221 7.50 -1.23 3.72
C LEU B 221 8.22 -0.34 2.69
N GLY B 222 9.36 -0.82 2.24
CA GLY B 222 10.07 -0.21 1.15
C GLY B 222 10.48 -1.27 0.13
N GLY B 223 11.04 -0.80 -0.99
CA GLY B 223 11.58 -1.69 -1.98
C GLY B 223 10.58 -2.09 -3.06
N LYS B 224 10.80 -3.25 -3.65
CA LYS B 224 10.04 -3.67 -4.79
C LYS B 224 8.54 -3.75 -4.57
N TYR B 225 8.11 -4.03 -3.36
CA TYR B 225 6.72 -4.07 -3.03
C TYR B 225 6.04 -2.76 -3.41
N ILE B 226 6.76 -1.62 -3.40
CA ILE B 226 6.05 -0.36 -3.38
C ILE B 226 6.20 0.50 -4.63
N LEU B 227 6.91 0.00 -5.62
CA LEU B 227 7.17 0.74 -6.84
C LEU B 227 5.92 1.27 -7.50
N PRO B 228 4.90 0.42 -7.73
CA PRO B 228 3.76 1.05 -8.43
C PRO B 228 2.98 2.09 -7.60
N THR B 229 2.94 1.91 -6.28
CA THR B 229 2.41 2.88 -5.36
C THR B 229 3.18 4.19 -5.45
N ALA B 230 4.48 4.07 -5.47
CA ALA B 230 5.33 5.23 -5.51
C ALA B 230 5.15 6.02 -6.82
N LEU B 231 5.12 5.29 -7.97
CA LEU B 231 4.89 5.86 -9.26
C LEU B 231 3.56 6.57 -9.33
N ALA B 232 2.55 5.99 -8.74
CA ALA B 232 1.22 6.62 -8.78
C ALA B 232 1.22 7.91 -8.01
N ASN B 233 1.86 7.87 -6.83
CA ASN B 233 1.90 9.07 -6.04
C ASN B 233 2.72 10.22 -6.70
N VAL B 234 3.86 9.89 -7.23
CA VAL B 234 4.64 10.87 -7.97
C VAL B 234 3.80 11.52 -9.09
N ASN B 235 3.17 10.67 -9.88
CA ASN B 235 2.42 11.17 -11.01
C ASN B 235 1.19 11.99 -10.56
N ALA B 236 0.50 11.53 -9.53
CA ALA B 236 -0.68 12.19 -9.02
C ALA B 236 -0.37 13.59 -8.55
N PHE B 237 0.79 13.75 -7.86
CA PHE B 237 1.23 15.04 -7.40
C PHE B 237 1.84 15.88 -8.48
N TYR B 238 2.49 15.24 -9.44
CA TYR B 238 3.07 15.99 -10.50
C TYR B 238 1.95 16.63 -11.29
N ARG B 239 0.89 15.86 -11.55
CA ARG B 239 -0.31 16.40 -12.26
C ARG B 239 -0.99 17.54 -11.47
N ARG B 240 -1.04 17.39 -10.17
CA ARG B 240 -1.82 18.31 -9.35
C ARG B 240 -1.02 19.53 -8.87
N CYS B 241 0.28 19.49 -9.00
CA CYS B 241 1.14 20.54 -8.40
C CYS B 241 2.06 21.11 -9.46
N PRO B 242 1.46 21.83 -10.43
CA PRO B 242 2.30 22.20 -11.54
C PRO B 242 3.34 23.25 -11.23
N ASP B 243 3.21 23.98 -10.14
CA ASP B 243 4.18 25.00 -9.74
C ASP B 243 5.21 24.48 -8.70
N LYS B 244 5.21 23.18 -8.41
CA LYS B 244 6.15 22.53 -7.49
C LYS B 244 6.99 21.47 -8.23
N LEU B 245 8.13 21.06 -7.68
CA LEU B 245 8.81 19.85 -8.16
C LEU B 245 8.27 18.64 -7.39
N VAL B 246 8.41 17.46 -7.97
CA VAL B 246 8.19 16.26 -7.29
C VAL B 246 9.50 15.48 -7.36
N PHE B 247 9.84 14.94 -6.20
CA PHE B 247 11.00 14.04 -6.02
C PHE B 247 10.40 12.64 -5.84
N GLY B 248 10.92 11.66 -6.58
CA GLY B 248 10.41 10.31 -6.42
C GLY B 248 11.24 9.50 -5.48
N CYS B 249 10.56 8.67 -4.72
CA CYS B 249 11.14 7.76 -3.77
C CYS B 249 10.28 6.53 -3.72
N GLY B 250 10.90 5.37 -3.85
CA GLY B 250 10.18 4.09 -3.65
C GLY B 250 10.47 3.09 -4.73
N GLY B 251 11.12 2.02 -4.34
CA GLY B 251 11.37 0.91 -5.19
C GLY B 251 12.38 1.08 -6.29
N VAL B 252 13.33 2.02 -6.11
CA VAL B 252 14.34 2.15 -7.07
C VAL B 252 15.48 1.16 -6.80
N TYR B 253 15.70 0.22 -7.74
CA TYR B 253 16.84 -0.70 -7.70
C TYR B 253 17.69 -0.63 -9.00
N SER B 254 17.23 0.07 -10.00
CA SER B 254 17.86 0.10 -11.32
C SER B 254 17.61 1.41 -12.03
N GLY B 255 18.41 1.66 -13.07
CA GLY B 255 18.21 2.79 -13.90
C GLY B 255 16.81 2.84 -14.54
N GLU B 256 16.33 1.67 -14.90
CA GLU B 256 14.96 1.49 -15.39
C GLU B 256 13.94 2.02 -14.42
N ASP B 257 14.06 1.59 -13.18
CA ASP B 257 13.15 2.03 -12.11
C ASP B 257 13.20 3.56 -11.97
N ALA B 258 14.41 4.11 -12.00
CA ALA B 258 14.61 5.53 -12.02
C ALA B 258 14.01 6.26 -13.22
N PHE B 259 14.15 5.64 -14.40
CA PHE B 259 13.51 6.12 -15.61
C PHE B 259 11.99 6.20 -15.47
N LEU B 260 11.38 5.20 -14.84
CA LEU B 260 9.93 5.20 -14.68
C LEU B 260 9.50 6.33 -13.75
N HIS B 261 10.25 6.54 -12.67
CA HIS B 261 9.97 7.66 -11.77
C HIS B 261 10.00 9.01 -12.51
N ILE B 262 11.01 9.20 -13.31
CA ILE B 262 11.16 10.46 -14.00
C ILE B 262 10.03 10.61 -15.05
N LEU B 263 9.69 9.55 -15.76
CA LEU B 263 8.51 9.59 -16.68
C LEU B 263 7.23 9.99 -15.97
N ALA B 264 7.09 9.49 -14.72
CA ALA B 264 5.96 9.80 -13.89
C ALA B 264 6.02 11.26 -13.42
N GLY B 265 7.17 11.90 -13.48
CA GLY B 265 7.27 13.30 -13.13
C GLY B 265 8.40 13.70 -12.15
N ALA B 266 9.15 12.73 -11.67
CA ALA B 266 10.21 12.98 -10.75
C ALA B 266 11.37 13.87 -11.30
N SER B 267 11.78 14.81 -10.45
CA SER B 267 12.96 15.63 -10.71
C SER B 267 14.17 15.01 -10.09
N MET B 268 14.13 14.72 -8.81
CA MET B 268 15.17 13.95 -8.14
C MET B 268 14.56 12.54 -7.87
N VAL B 269 15.46 11.57 -7.72
CA VAL B 269 15.12 10.18 -7.44
C VAL B 269 15.94 9.71 -6.23
N GLN B 270 15.24 9.33 -5.17
CA GLN B 270 15.81 8.91 -3.91
C GLN B 270 15.82 7.38 -3.85
N VAL B 271 16.86 6.87 -3.23
CA VAL B 271 17.13 5.46 -3.13
C VAL B 271 17.25 5.05 -1.64
N GLY B 272 16.29 4.22 -1.17
CA GLY B 272 16.24 3.77 0.20
C GLY B 272 16.72 2.35 0.35
N THR B 273 15.79 1.39 0.37
CA THR B 273 16.10 -0.01 0.57
C THR B 273 17.24 -0.52 -0.29
N ALA B 274 17.22 -0.19 -1.56
CA ALA B 274 18.28 -0.72 -2.45
C ALA B 274 19.67 -0.21 -2.03
N LEU B 275 19.71 1.01 -1.52
CA LEU B 275 20.97 1.63 -1.03
C LEU B 275 21.40 0.96 0.29
N GLN B 276 20.44 0.71 1.15
CA GLN B 276 20.74 -0.01 2.36
C GLN B 276 21.33 -1.36 2.06
N GLU B 277 20.82 -2.01 1.04
CA GLU B 277 21.28 -3.36 0.71
C GLU B 277 22.54 -3.43 -0.11
N GLU B 278 22.71 -2.55 -1.09
CA GLU B 278 23.77 -2.68 -1.98
C GLU B 278 24.93 -1.78 -1.54
N GLY B 279 24.67 -0.73 -0.75
CA GLY B 279 25.70 0.21 -0.46
C GLY B 279 25.78 1.31 -1.53
N PRO B 280 26.65 2.31 -1.31
CA PRO B 280 26.75 3.55 -2.14
C PRO B 280 27.34 3.37 -3.52
N GLY B 281 27.99 2.22 -3.78
CA GLY B 281 28.30 1.86 -5.15
C GLY B 281 27.11 1.89 -6.07
N ILE B 282 25.92 1.65 -5.50
CA ILE B 282 24.71 1.63 -6.28
C ILE B 282 24.60 2.87 -7.16
N PHE B 283 25.10 4.02 -6.72
CA PHE B 283 24.90 5.25 -7.48
C PHE B 283 25.62 5.27 -8.81
N THR B 284 26.79 4.66 -8.89
CA THR B 284 27.42 4.63 -10.20
C THR B 284 26.66 3.74 -11.14
N ARG B 285 26.18 2.59 -10.67
CA ARG B 285 25.41 1.70 -11.49
C ARG B 285 24.13 2.36 -11.97
N LEU B 286 23.42 3.02 -11.09
CA LEU B 286 22.16 3.66 -11.49
C LEU B 286 22.37 4.74 -12.58
N GLU B 287 23.44 5.50 -12.46
CA GLU B 287 23.75 6.55 -13.45
C GLU B 287 24.00 5.91 -14.81
N ASP B 288 24.87 4.92 -14.80
CA ASP B 288 25.18 4.16 -16.02
C ASP B 288 23.96 3.54 -16.70
N GLU B 289 23.11 2.89 -15.87
CA GLU B 289 21.95 2.23 -16.38
C GLU B 289 20.99 3.29 -16.95
N LEU B 290 20.80 4.42 -16.26
CA LEU B 290 19.83 5.44 -16.72
C LEU B 290 20.38 6.05 -18.05
N LEU B 291 21.67 6.38 -18.10
CA LEU B 291 22.27 6.90 -19.33
C LEU B 291 22.14 5.92 -20.47
N GLU B 292 22.21 4.64 -20.17
CA GLU B 292 22.11 3.57 -21.17
C GLU B 292 20.71 3.52 -21.74
N ILE B 293 19.70 3.57 -20.87
CA ILE B 293 18.31 3.62 -21.38
C ILE B 293 18.06 4.90 -22.24
N MET B 294 18.51 6.03 -21.74
CA MET B 294 18.47 7.27 -22.52
C MET B 294 19.09 7.14 -23.90
N ALA B 295 20.33 6.65 -23.96
CA ALA B 295 21.04 6.55 -25.27
C ALA B 295 20.25 5.69 -26.23
N ARG B 296 19.78 4.56 -25.76
CA ARG B 296 18.99 3.65 -26.59
C ARG B 296 17.72 4.36 -27.13
N LYS B 297 17.10 5.25 -26.35
CA LYS B 297 15.88 5.91 -26.76
C LYS B 297 16.18 7.19 -27.49
N GLY B 298 17.42 7.66 -27.52
CA GLY B 298 17.77 8.92 -28.13
C GLY B 298 17.46 10.14 -27.30
N TYR B 299 17.38 9.98 -25.98
CA TYR B 299 17.09 11.11 -25.15
C TYR B 299 18.43 11.68 -24.71
N ARG B 300 18.56 13.00 -24.82
CA ARG B 300 19.79 13.70 -24.38
C ARG B 300 19.69 14.31 -23.00
N THR B 301 18.47 14.61 -22.57
CA THR B 301 18.20 15.28 -21.34
C THR B 301 17.05 14.57 -20.61
N LEU B 302 16.98 14.82 -19.31
CA LEU B 302 15.90 14.31 -18.43
C LEU B 302 14.63 15.08 -18.71
N GLU B 303 14.80 16.36 -19.08
CA GLU B 303 13.69 17.29 -19.38
C GLU B 303 12.84 16.78 -20.51
N GLU B 304 13.47 16.11 -21.46
CA GLU B 304 12.79 15.62 -22.64
C GLU B 304 11.73 14.62 -22.31
N PHE B 305 11.94 13.80 -21.28
CA PHE B 305 10.91 12.79 -20.90
C PHE B 305 10.28 12.94 -19.48
N ARG B 306 10.68 13.94 -18.69
CA ARG B 306 10.11 14.04 -17.39
C ARG B 306 8.66 14.32 -17.50
N GLY B 307 7.91 13.52 -16.78
CA GLY B 307 6.48 13.66 -16.73
C GLY B 307 5.79 13.31 -18.00
N ARG B 308 6.43 12.62 -18.90
CA ARG B 308 5.78 12.37 -20.19
C ARG B 308 5.27 10.97 -20.35
N VAL B 309 4.96 10.29 -19.26
CA VAL B 309 4.32 8.98 -19.34
C VAL B 309 3.11 9.12 -20.20
N LYS B 310 2.96 8.16 -21.08
CA LYS B 310 1.79 8.09 -21.94
C LYS B 310 0.60 7.39 -21.35
N THR B 311 -0.59 7.96 -21.60
CA THR B 311 -1.84 7.27 -21.24
C THR B 311 -2.42 6.64 -22.49
N ILE B 312 -3.39 5.76 -22.34
CA ILE B 312 -3.96 5.04 -23.50
C ILE B 312 -5.26 5.71 -23.88
N GLU B 313 -5.42 6.07 -25.16
CA GLU B 313 -6.54 6.88 -25.67
C GLU B 313 -6.87 8.03 -24.74
#